data_5YVA
#
_entry.id   5YVA
#
_cell.length_a   67.091
_cell.length_b   77.117
_cell.length_c   84.423
_cell.angle_alpha   90.00
_cell.angle_beta   90.00
_cell.angle_gamma   90.00
#
_symmetry.space_group_name_H-M   'P 21 21 21'
#
loop_
_entity.id
_entity.type
_entity.pdbx_description
1 polymer 'Calcium/calmodulin-dependent protein kinase kinase 2'
2 non-polymer 3-(1H-tetrazol-5-yl)-10lambda~6~-thioxanthene-9,10,10-trione
3 non-polymer GLYCEROL
4 non-polymer 'CHLORIDE ION'
5 water water
#
_entity_poly.entity_id   1
_entity_poly.type   'polypeptide(L)'
_entity_poly.pdbx_seq_one_letter_code
;GSSGSSGDCVQLNQYTLKDEIGKGSYGVVKLAYNENDNTYYAMKVLSKKKLIRQAGFPRRPPPRGTRPAPGGCIQPRGPI
EQVYQEIAILKKLDHPNVVKLVEVLDDPNEDHLYMVFELVNQGPVMEVPTLKPLSEDQARFYFQDLIKGIEYLHYQKIIH
RDIKPSNLLVGEDGHIKIADFGVSNEFKGSDALLSNTVGTPAFMAPESLSETRKIFSGKALDVWAMGVTLYCFVFGQCPF
MDERIM(CAS)LHSKIKSQALEFPDQPDIAEDLKDLITRMLDKNPESRIVVPEIKLHPWVTR
;
_entity_poly.pdbx_strand_id   A
#
loop_
_chem_comp.id
_chem_comp.type
_chem_comp.name
_chem_comp.formula
91X non-polymer 3-(1H-tetrazol-5-yl)-10lambda~6~-thioxanthene-9,10,10-trione 'C14 H8 N4 O3 S'
CL non-polymer 'CHLORIDE ION' 'Cl -1'
GOL non-polymer GLYCEROL 'C3 H8 O3'
#
# COMPACT_ATOMS: atom_id res chain seq x y z
N VAL A 10 17.92 -19.16 -15.16
CA VAL A 10 17.35 -19.58 -13.89
C VAL A 10 15.97 -20.24 -14.07
N GLN A 11 15.89 -21.53 -13.77
CA GLN A 11 14.67 -22.31 -13.95
C GLN A 11 14.26 -22.95 -12.62
N LEU A 12 13.04 -22.67 -12.17
CA LEU A 12 12.49 -23.18 -10.92
C LEU A 12 11.17 -23.90 -11.21
N ASN A 13 11.27 -25.22 -11.38
CA ASN A 13 10.17 -26.07 -11.86
C ASN A 13 9.81 -25.69 -13.30
N GLN A 14 8.59 -25.19 -13.50
CA GLN A 14 8.15 -24.81 -14.83
C GLN A 14 8.41 -23.33 -15.14
N TYR A 15 8.99 -22.58 -14.20
CA TYR A 15 9.21 -21.13 -14.31
C TYR A 15 10.64 -20.81 -14.69
N THR A 16 10.82 -19.77 -15.52
CA THR A 16 12.12 -19.25 -15.86
C THR A 16 12.26 -17.84 -15.30
N LEU A 17 13.19 -17.64 -14.37
CA LEU A 17 13.38 -16.34 -13.75
C LEU A 17 14.08 -15.39 -14.71
N LYS A 18 13.52 -14.18 -14.85
CA LYS A 18 14.13 -13.15 -15.62
C LYS A 18 14.50 -11.98 -14.68
N ASP A 19 14.44 -10.76 -15.18
CA ASP A 19 15.02 -9.63 -14.45
C ASP A 19 14.12 -9.17 -13.29
N GLU A 20 14.73 -8.42 -12.36
CA GLU A 20 13.99 -7.79 -11.29
C GLU A 20 13.12 -6.67 -11.83
N ILE A 21 11.89 -6.62 -11.31
CA ILE A 21 10.91 -5.60 -11.69
C ILE A 21 10.43 -4.77 -10.50
N GLY A 22 10.73 -5.19 -9.26
CA GLY A 22 10.34 -4.45 -8.08
C GLY A 22 11.03 -5.01 -6.85
N LYS A 23 11.00 -4.22 -5.78
CA LYS A 23 11.65 -4.59 -4.52
C LYS A 23 10.71 -4.16 -3.40
N GLY A 24 10.14 -5.14 -2.69
CA GLY A 24 9.07 -4.88 -1.75
C GLY A 24 9.54 -4.81 -0.31
N SER A 25 8.57 -4.96 0.61
CA SER A 25 8.89 -4.94 2.03
C SER A 25 9.88 -6.03 2.39
N TYR A 26 9.94 -7.10 1.60
CA TYR A 26 10.89 -8.15 1.92
C TYR A 26 11.78 -8.49 0.73
N GLY A 27 11.48 -9.55 0.00
CA GLY A 27 12.47 -10.00 -0.97
C GLY A 27 12.62 -9.12 -2.20
N VAL A 28 12.75 -9.74 -3.38
CA VAL A 28 12.62 -9.03 -4.64
C VAL A 28 11.49 -9.67 -5.43
N VAL A 29 11.01 -8.91 -6.41
CA VAL A 29 10.05 -9.43 -7.38
C VAL A 29 10.77 -9.51 -8.73
N LYS A 30 10.69 -10.68 -9.35
CA LYS A 30 11.32 -10.92 -10.64
C LYS A 30 10.25 -11.30 -11.63
N LEU A 31 10.41 -10.82 -12.86
CA LEU A 31 9.61 -11.35 -13.95
C LEU A 31 9.99 -12.81 -14.14
N ALA A 32 8.97 -13.64 -14.29
CA ALA A 32 9.15 -15.06 -14.47
C ALA A 32 8.25 -15.52 -15.60
N TYR A 33 8.77 -16.43 -16.41
CA TYR A 33 8.08 -16.96 -17.57
C TYR A 33 7.74 -18.42 -17.30
N ASN A 34 6.47 -18.77 -17.41
CA ASN A 34 6.03 -20.14 -17.18
C ASN A 34 6.02 -20.87 -18.51
N GLU A 35 6.86 -21.89 -18.64
CA GLU A 35 6.97 -22.59 -19.91
C GLU A 35 5.75 -23.47 -20.20
N ASN A 36 5.11 -24.02 -19.16
CA ASN A 36 3.89 -24.81 -19.35
C ASN A 36 2.90 -24.07 -20.23
N ASP A 37 2.42 -22.93 -19.75
CA ASP A 37 1.35 -22.17 -20.37
C ASP A 37 1.84 -20.95 -21.12
N ASN A 38 3.15 -20.74 -21.23
CA ASN A 38 3.72 -19.71 -22.10
C ASN A 38 3.30 -18.29 -21.67
N THR A 39 3.48 -17.98 -20.39
CA THR A 39 2.93 -16.75 -19.80
C THR A 39 3.87 -16.15 -18.77
N TYR A 40 3.90 -14.82 -18.73
CA TYR A 40 4.71 -14.10 -17.75
C TYR A 40 3.94 -13.95 -16.45
N TYR A 41 4.64 -14.13 -15.32
CA TYR A 41 4.14 -13.87 -13.99
C TYR A 41 5.11 -12.97 -13.25
N ALA A 42 4.69 -12.50 -12.06
CA ALA A 42 5.59 -11.88 -11.11
C ALA A 42 5.94 -12.88 -10.01
N MET A 43 7.23 -12.93 -9.65
CA MET A 43 7.74 -13.90 -8.69
C MET A 43 8.45 -13.16 -7.55
N LYS A 44 7.84 -13.19 -6.37
CA LYS A 44 8.50 -12.70 -5.17
C LYS A 44 9.48 -13.77 -4.71
N VAL A 45 10.74 -13.38 -4.51
CA VAL A 45 11.81 -14.31 -4.17
C VAL A 45 12.28 -13.96 -2.77
N LEU A 46 12.24 -14.94 -1.86
CA LEU A 46 12.54 -14.74 -0.45
C LEU A 46 13.60 -15.73 0.01
N SER A 47 14.46 -15.27 0.94
CA SER A 47 15.54 -16.09 1.50
C SER A 47 15.51 -16.01 3.01
N LYS A 48 15.56 -17.16 3.66
CA LYS A 48 15.22 -17.23 5.07
C LYS A 48 16.21 -16.45 5.93
N LYS A 49 15.70 -15.42 6.60
CA LYS A 49 16.45 -14.49 7.44
C LYS A 49 15.77 -14.23 8.78
N PRO A 79 10.05 -14.60 12.98
CA PRO A 79 10.96 -14.11 11.92
C PRO A 79 10.50 -14.53 10.54
N ILE A 80 10.64 -15.83 10.26
CA ILE A 80 10.15 -16.43 9.02
C ILE A 80 8.65 -16.68 9.10
N GLU A 81 8.09 -16.67 10.31
CA GLU A 81 6.66 -16.85 10.51
C GLU A 81 5.84 -15.92 9.62
N GLN A 82 6.18 -14.62 9.65
CA GLN A 82 5.32 -13.61 9.05
C GLN A 82 5.07 -13.85 7.56
N VAL A 83 5.96 -14.55 6.86
CA VAL A 83 5.74 -14.83 5.45
C VAL A 83 4.55 -15.75 5.25
N TYR A 84 4.37 -16.71 6.15
CA TYR A 84 3.20 -17.57 6.05
C TYR A 84 1.93 -16.91 6.53
N GLN A 85 2.03 -15.90 7.41
CA GLN A 85 0.88 -15.01 7.64
C GLN A 85 0.51 -14.27 6.35
N GLU A 86 1.50 -13.78 5.60
CA GLU A 86 1.23 -13.08 4.35
C GLU A 86 0.53 -14.01 3.36
N ILE A 87 1.03 -15.23 3.24
CA ILE A 87 0.46 -16.19 2.28
C ILE A 87 -0.97 -16.52 2.66
N ALA A 88 -1.24 -16.69 3.96
CA ALA A 88 -2.60 -16.99 4.41
C ALA A 88 -3.54 -15.85 4.06
N ILE A 89 -3.14 -14.62 4.35
CA ILE A 89 -3.93 -13.46 3.96
C ILE A 89 -4.16 -13.45 2.46
N LEU A 90 -3.10 -13.68 1.67
CA LEU A 90 -3.24 -13.64 0.22
C LEU A 90 -4.26 -14.66 -0.26
N LYS A 91 -4.16 -15.90 0.23
CA LYS A 91 -5.06 -16.97 -0.19
C LYS A 91 -6.53 -16.64 0.03
N LYS A 92 -6.85 -15.67 0.88
CA LYS A 92 -8.23 -15.32 1.23
C LYS A 92 -8.79 -14.19 0.37
N LEU A 93 -7.96 -13.55 -0.45
CA LEU A 93 -8.31 -12.31 -1.13
C LEU A 93 -8.62 -12.57 -2.59
N ASP A 94 -9.83 -12.21 -3.01
CA ASP A 94 -10.27 -12.37 -4.40
C ASP A 94 -11.03 -11.10 -4.78
N HIS A 95 -10.34 -10.16 -5.41
CA HIS A 95 -10.95 -8.87 -5.72
C HIS A 95 -10.17 -8.20 -6.84
N PRO A 96 -10.85 -7.42 -7.72
CA PRO A 96 -10.18 -6.85 -8.90
C PRO A 96 -9.20 -5.75 -8.59
N ASN A 97 -9.24 -5.17 -7.39
CA ASN A 97 -8.25 -4.17 -7.02
C ASN A 97 -7.23 -4.71 -6.03
N VAL A 98 -7.05 -6.03 -5.96
CA VAL A 98 -6.03 -6.65 -5.13
C VAL A 98 -5.27 -7.66 -6.00
N VAL A 99 -3.96 -7.78 -5.77
CA VAL A 99 -3.14 -8.75 -6.53
C VAL A 99 -3.57 -10.19 -6.21
N LYS A 100 -3.27 -11.10 -7.12
CA LYS A 100 -3.71 -12.49 -7.06
C LYS A 100 -2.50 -13.40 -6.89
N LEU A 101 -2.40 -14.05 -5.74
CA LEU A 101 -1.36 -15.05 -5.55
C LEU A 101 -1.73 -16.30 -6.31
N VAL A 102 -0.78 -16.82 -7.09
CA VAL A 102 -1.03 -17.94 -7.97
C VAL A 102 -0.56 -19.25 -7.36
N GLU A 103 0.68 -19.29 -6.89
CA GLU A 103 1.17 -20.47 -6.18
C GLU A 103 2.44 -20.12 -5.39
N VAL A 104 2.76 -20.98 -4.43
CA VAL A 104 3.94 -20.85 -3.59
C VAL A 104 4.82 -22.06 -3.83
N LEU A 105 6.11 -21.83 -4.05
CA LEU A 105 7.09 -22.89 -4.26
C LEU A 105 7.98 -22.97 -3.02
N ASP A 106 7.85 -24.06 -2.27
CA ASP A 106 8.59 -24.21 -1.01
C ASP A 106 9.20 -25.61 -0.93
N ASP A 107 10.47 -25.71 -1.23
CA ASP A 107 11.24 -26.90 -0.95
C ASP A 107 11.87 -26.78 0.44
N PRO A 108 11.79 -27.80 1.28
CA PRO A 108 12.45 -27.73 2.59
C PRO A 108 13.97 -27.70 2.53
N ASN A 109 14.58 -28.08 1.40
CA ASN A 109 16.03 -28.14 1.28
C ASN A 109 16.66 -26.84 0.79
N GLU A 110 16.01 -26.12 -0.14
CA GLU A 110 16.57 -24.88 -0.65
C GLU A 110 16.14 -23.72 0.25
N ASP A 111 17.04 -22.73 0.39
CA ASP A 111 16.80 -21.59 1.26
C ASP A 111 15.77 -20.62 0.69
N HIS A 112 15.50 -20.69 -0.60
CA HIS A 112 14.63 -19.69 -1.20
C HIS A 112 13.20 -20.18 -1.28
N LEU A 113 12.31 -19.22 -1.14
CA LEU A 113 10.87 -19.44 -1.19
C LEU A 113 10.32 -18.48 -2.24
N TYR A 114 9.40 -18.97 -3.06
CA TYR A 114 8.89 -18.21 -4.20
C TYR A 114 7.38 -18.07 -4.09
N MET A 115 6.90 -16.83 -4.22
CA MET A 115 5.47 -16.56 -4.40
C MET A 115 5.24 -16.06 -5.83
N VAL A 116 4.33 -16.71 -6.54
CA VAL A 116 3.98 -16.37 -7.91
C VAL A 116 2.69 -15.56 -7.90
N PHE A 117 2.75 -14.36 -8.44
CA PHE A 117 1.56 -13.53 -8.61
C PHE A 117 1.27 -13.35 -10.09
N GLU A 118 -0.02 -13.18 -10.40
CA GLU A 118 -0.37 -12.67 -11.71
C GLU A 118 0.29 -11.33 -11.92
N LEU A 119 0.91 -11.16 -13.09
CA LEU A 119 1.58 -9.91 -13.43
C LEU A 119 0.57 -8.74 -13.49
N VAL A 120 1.04 -7.55 -13.10
CA VAL A 120 0.25 -6.31 -13.21
C VAL A 120 1.14 -5.34 -13.99
N ASN A 121 0.97 -5.32 -15.32
CA ASN A 121 2.10 -5.12 -16.23
C ASN A 121 2.62 -3.69 -16.26
N GLN A 122 1.79 -2.72 -15.94
CA GLN A 122 2.24 -1.35 -16.06
C GLN A 122 3.01 -0.85 -14.85
N GLY A 123 2.98 -1.59 -13.74
CA GLY A 123 3.81 -1.27 -12.61
C GLY A 123 3.22 -0.18 -11.73
N PRO A 124 4.05 0.37 -10.84
CA PRO A 124 3.54 1.33 -9.86
C PRO A 124 2.88 2.50 -10.57
N VAL A 125 1.88 3.05 -9.91
CA VAL A 125 1.11 4.12 -10.53
C VAL A 125 1.97 5.37 -10.65
N MET A 126 2.93 5.55 -9.74
CA MET A 126 3.87 6.64 -9.90
C MET A 126 5.07 6.43 -8.99
N GLU A 127 6.15 7.12 -9.32
CA GLU A 127 7.36 7.18 -8.52
C GLU A 127 7.33 8.44 -7.68
N VAL A 128 7.65 8.31 -6.40
CA VAL A 128 7.68 9.43 -5.47
C VAL A 128 9.11 9.56 -4.95
N PRO A 129 9.73 10.76 -5.03
CA PRO A 129 9.16 11.99 -5.54
C PRO A 129 9.24 12.10 -7.05
N THR A 130 8.40 12.94 -7.64
CA THR A 130 8.42 13.22 -9.06
C THR A 130 8.12 14.68 -9.30
N LEU A 131 8.59 15.20 -10.44
CA LEU A 131 8.25 16.53 -10.87
C LEU A 131 7.03 16.54 -11.80
N LYS A 132 6.50 15.37 -12.15
CA LYS A 132 5.32 15.22 -12.99
C LYS A 132 4.29 14.42 -12.21
N PRO A 133 3.52 15.05 -11.34
CA PRO A 133 2.45 14.36 -10.63
C PRO A 133 1.23 14.17 -11.53
N LEU A 134 0.27 13.40 -11.02
CA LEU A 134 -0.97 13.19 -11.77
C LEU A 134 -1.82 14.45 -11.79
N SER A 135 -2.64 14.55 -12.84
CA SER A 135 -3.72 15.54 -12.82
C SER A 135 -4.79 15.11 -11.85
N GLU A 136 -5.63 16.07 -11.45
CA GLU A 136 -6.69 15.80 -10.49
C GLU A 136 -7.61 14.70 -11.00
N ASP A 137 -7.94 14.74 -12.29
CA ASP A 137 -8.80 13.70 -12.87
C ASP A 137 -8.13 12.34 -12.86
N GLN A 138 -6.82 12.29 -13.13
CA GLN A 138 -6.09 11.04 -13.00
C GLN A 138 -6.11 10.56 -11.56
N ALA A 139 -5.82 11.46 -10.62
CA ALA A 139 -5.78 11.06 -9.22
C ALA A 139 -7.14 10.54 -8.77
N ARG A 140 -8.21 11.23 -9.19
CA ARG A 140 -9.55 10.77 -8.84
C ARG A 140 -9.79 9.36 -9.36
N PHE A 141 -9.49 9.12 -10.63
CA PHE A 141 -9.66 7.79 -11.21
C PHE A 141 -8.98 6.71 -10.37
N TYR A 142 -7.72 6.93 -9.97
CA TYR A 142 -6.99 5.91 -9.24
C TYR A 142 -7.43 5.81 -7.80
N PHE A 143 -7.70 6.96 -7.18
CA PHE A 143 -8.23 6.95 -5.82
C PHE A 143 -9.51 6.12 -5.73
N GLN A 144 -10.35 6.19 -6.75
CA GLN A 144 -11.58 5.41 -6.69
C GLN A 144 -11.28 3.92 -6.62
N ASP A 145 -10.27 3.47 -7.35
CA ASP A 145 -9.89 2.07 -7.23
C ASP A 145 -9.36 1.78 -5.84
N LEU A 146 -8.50 2.66 -5.31
CA LEU A 146 -7.93 2.49 -3.98
C LEU A 146 -9.01 2.32 -2.91
N ILE A 147 -10.08 3.13 -2.98
CA ILE A 147 -11.19 3.03 -2.05
C ILE A 147 -11.85 1.65 -2.12
N LYS A 148 -12.20 1.20 -3.31
CA LYS A 148 -12.87 -0.09 -3.44
C LYS A 148 -11.99 -1.23 -2.91
N GLY A 149 -10.67 -1.14 -3.08
CA GLY A 149 -9.82 -2.20 -2.57
C GLY A 149 -9.69 -2.19 -1.07
N ILE A 150 -9.44 -0.99 -0.50
CA ILE A 150 -9.35 -0.85 0.95
C ILE A 150 -10.65 -1.29 1.59
N GLU A 151 -11.76 -0.92 0.98
CA GLU A 151 -13.06 -1.25 1.55
C GLU A 151 -13.29 -2.76 1.48
N TYR A 152 -12.76 -3.41 0.46
CA TYR A 152 -12.84 -4.86 0.42
C TYR A 152 -11.94 -5.46 1.49
N LEU A 153 -10.70 -4.97 1.58
CA LEU A 153 -9.77 -5.47 2.58
C LEU A 153 -10.35 -5.32 3.98
N HIS A 154 -10.92 -4.16 4.29
CA HIS A 154 -11.43 -3.97 5.64
C HIS A 154 -12.62 -4.88 5.91
N TYR A 155 -13.42 -5.16 4.88
CA TYR A 155 -14.53 -6.07 5.05
C TYR A 155 -14.05 -7.48 5.32
N GLN A 156 -13.01 -7.92 4.60
CA GLN A 156 -12.28 -9.16 4.84
C GLN A 156 -11.47 -9.13 6.13
N LYS A 157 -11.48 -8.01 6.86
CA LYS A 157 -10.80 -7.86 8.15
C LYS A 157 -9.27 -7.92 8.01
N ILE A 158 -8.76 -7.22 7.02
CA ILE A 158 -7.32 -7.03 6.83
C ILE A 158 -7.04 -5.55 6.94
N ILE A 159 -6.02 -5.20 7.72
CA ILE A 159 -5.43 -3.87 7.71
C ILE A 159 -4.15 -3.98 6.90
N HIS A 160 -4.01 -3.14 5.86
CA HIS A 160 -2.89 -3.31 4.94
C HIS A 160 -1.57 -2.81 5.54
N ARG A 161 -1.57 -1.64 6.16
CA ARG A 161 -0.43 -1.05 6.87
C ARG A 161 0.75 -0.64 5.99
N ASP A 162 0.64 -0.69 4.68
CA ASP A 162 1.71 -0.19 3.84
C ASP A 162 1.16 0.38 2.54
N ILE A 163 0.05 1.12 2.63
CA ILE A 163 -0.53 1.83 1.49
C ILE A 163 0.43 2.94 1.04
N LYS A 164 0.88 2.88 -0.20
CA LYS A 164 1.69 3.94 -0.77
C LYS A 164 1.72 3.75 -2.28
N PRO A 165 2.11 4.79 -3.03
CA PRO A 165 2.07 4.70 -4.50
C PRO A 165 2.80 3.52 -5.11
N SER A 166 3.95 3.11 -4.58
CA SER A 166 4.67 2.02 -5.21
C SER A 166 4.06 0.65 -4.92
N ASN A 167 3.09 0.56 -4.02
CA ASN A 167 2.31 -0.66 -3.84
C ASN A 167 0.98 -0.61 -4.58
N LEU A 168 0.78 0.36 -5.45
CA LEU A 168 -0.44 0.50 -6.22
C LEU A 168 -0.07 0.28 -7.69
N LEU A 169 -0.36 -0.91 -8.18
CA LEU A 169 0.09 -1.35 -9.50
C LEU A 169 -1.02 -1.21 -10.51
N VAL A 170 -0.65 -0.76 -11.72
CA VAL A 170 -1.60 -0.49 -12.80
C VAL A 170 -1.65 -1.71 -13.72
N GLY A 171 -2.84 -2.28 -13.87
CA GLY A 171 -3.03 -3.47 -14.66
C GLY A 171 -3.24 -3.17 -16.13
N GLU A 172 -3.57 -4.23 -16.86
CA GLU A 172 -3.67 -4.13 -18.31
C GLU A 172 -4.78 -3.17 -18.73
N ASP A 173 -5.84 -3.10 -17.93
CA ASP A 173 -6.99 -2.28 -18.24
C ASP A 173 -6.89 -0.84 -17.70
N GLY A 174 -5.79 -0.48 -17.06
CA GLY A 174 -5.63 0.85 -16.49
C GLY A 174 -6.03 1.01 -15.04
N HIS A 175 -6.43 -0.06 -14.34
CA HIS A 175 -6.92 0.05 -12.98
C HIS A 175 -5.88 -0.40 -11.95
N ILE A 176 -6.07 0.09 -10.73
CA ILE A 176 -5.10 -0.09 -9.65
C ILE A 176 -5.34 -1.42 -8.98
N LYS A 177 -4.25 -2.09 -8.59
CA LYS A 177 -4.30 -3.27 -7.76
C LYS A 177 -3.39 -3.07 -6.57
N ILE A 178 -3.87 -3.39 -5.38
CA ILE A 178 -3.08 -3.25 -4.17
C ILE A 178 -2.18 -4.48 -4.00
N ALA A 179 -0.91 -4.23 -3.75
CA ALA A 179 0.14 -5.23 -3.66
C ALA A 179 0.80 -5.13 -2.30
N ASP A 180 1.59 -6.15 -1.97
CA ASP A 180 2.50 -6.20 -0.81
C ASP A 180 1.78 -6.25 0.54
N PHE A 181 1.35 -7.44 0.93
CA PHE A 181 0.73 -7.67 2.23
C PHE A 181 1.74 -8.17 3.26
N GLY A 182 3.01 -7.80 3.10
CA GLY A 182 4.08 -8.29 3.95
C GLY A 182 4.02 -7.84 5.40
N VAL A 183 3.28 -6.77 5.71
CA VAL A 183 3.21 -6.34 7.11
C VAL A 183 1.77 -6.14 7.54
N SER A 184 0.82 -6.70 6.78
CA SER A 184 -0.60 -6.55 7.06
C SER A 184 -1.01 -7.29 8.32
N ASN A 185 -2.20 -6.95 8.82
CA ASN A 185 -2.74 -7.54 10.03
C ASN A 185 -4.13 -8.07 9.75
N GLU A 186 -4.41 -9.23 10.30
CA GLU A 186 -5.76 -9.79 10.29
C GLU A 186 -6.37 -9.55 11.67
N PHE A 187 -7.69 -9.43 11.72
CA PHE A 187 -8.31 -9.13 13.00
C PHE A 187 -9.69 -9.77 13.08
N LYS A 188 -10.17 -9.85 14.32
CA LYS A 188 -11.46 -10.40 14.66
C LYS A 188 -12.29 -9.25 15.21
N GLY A 189 -13.56 -9.23 14.90
CA GLY A 189 -14.36 -8.10 15.31
C GLY A 189 -14.35 -6.97 14.31
N SER A 190 -14.75 -5.79 14.80
CA SER A 190 -15.01 -4.64 13.94
C SER A 190 -13.77 -3.80 13.64
N ASP A 191 -12.77 -3.80 14.52
CA ASP A 191 -11.52 -3.15 14.18
C ASP A 191 -10.36 -3.93 14.78
N ALA A 192 -9.17 -3.64 14.25
CA ALA A 192 -7.93 -4.13 14.81
C ALA A 192 -7.43 -3.19 15.91
N LEU A 193 -6.85 -3.78 16.95
CA LEU A 193 -6.33 -3.05 18.10
C LEU A 193 -4.83 -3.32 18.15
N LEU A 194 -4.04 -2.40 17.58
CA LEU A 194 -2.64 -2.61 17.27
C LEU A 194 -1.74 -1.86 18.25
N SER A 195 -0.51 -2.38 18.40
CA SER A 195 0.53 -1.73 19.21
C SER A 195 1.89 -1.63 18.52
N ASN A 196 2.13 -2.36 17.44
CA ASN A 196 3.42 -2.36 16.79
C ASN A 196 3.49 -1.27 15.71
N THR A 197 4.71 -0.89 15.37
CA THR A 197 4.97 0.18 14.40
C THR A 197 5.69 -0.44 13.20
N VAL A 198 4.99 -0.47 12.05
CA VAL A 198 5.53 -1.09 10.84
C VAL A 198 5.07 -0.28 9.63
N GLY A 199 5.72 -0.55 8.50
CA GLY A 199 5.41 0.09 7.24
C GLY A 199 6.51 1.03 6.78
N THR A 200 6.14 1.97 5.97
CA THR A 200 7.10 2.94 5.46
C THR A 200 7.04 4.24 6.27
N PRO A 201 8.17 4.72 6.83
CA PRO A 201 8.12 5.90 7.73
C PRO A 201 7.30 7.08 7.24
N ALA A 202 7.59 7.59 6.05
CA ALA A 202 6.85 8.72 5.50
C ALA A 202 5.33 8.55 5.57
N PHE A 203 4.81 7.32 5.58
CA PHE A 203 3.37 7.08 5.50
C PHE A 203 2.76 6.65 6.82
N MET A 204 3.51 6.63 7.91
CA MET A 204 2.98 6.12 9.17
C MET A 204 2.11 7.16 9.86
N ALA A 205 0.95 6.72 10.33
CA ALA A 205 0.04 7.62 10.99
C ALA A 205 0.62 8.06 12.33
N PRO A 206 0.33 9.30 12.77
CA PRO A 206 0.98 9.80 14.00
C PRO A 206 0.72 8.97 15.24
N GLU A 207 -0.49 8.38 15.40
CA GLU A 207 -0.80 7.62 16.61
C GLU A 207 -0.02 6.30 16.71
N SER A 208 0.54 5.80 15.60
CA SER A 208 1.46 4.67 15.60
C SER A 208 2.90 5.05 15.95
N LEU A 209 3.15 6.29 16.40
CA LEU A 209 4.51 6.76 16.65
C LEU A 209 4.68 7.29 18.07
N SER A 210 3.82 6.89 19.00
CA SER A 210 4.12 7.11 20.40
C SER A 210 5.18 6.09 20.81
N GLU A 211 6.14 6.54 21.60
CA GLU A 211 7.16 5.63 22.07
C GLU A 211 6.84 5.06 23.43
N THR A 212 5.55 5.08 23.81
CA THR A 212 5.07 4.43 25.03
C THR A 212 4.18 3.24 24.74
N ARG A 213 4.31 2.64 23.54
CA ARG A 213 3.72 1.34 23.23
C ARG A 213 2.19 1.34 23.27
N LYS A 214 1.54 2.48 23.10
CA LYS A 214 0.09 2.60 23.21
C LYS A 214 -0.64 1.81 22.14
N ILE A 215 -1.93 1.53 22.43
CA ILE A 215 -2.86 0.83 21.54
C ILE A 215 -3.49 1.83 20.60
N PHE A 216 -3.64 1.47 19.33
CA PHE A 216 -4.33 2.31 18.37
C PHE A 216 -5.10 1.43 17.39
N SER A 217 -6.18 1.97 16.83
CA SER A 217 -7.01 1.21 15.93
C SER A 217 -6.43 1.17 14.50
N GLY A 218 -6.79 0.12 13.77
CA GLY A 218 -6.11 -0.13 12.51
C GLY A 218 -6.74 0.49 11.29
N LYS A 219 -8.07 0.58 11.21
CA LYS A 219 -8.68 1.14 10.02
C LYS A 219 -8.23 2.57 9.77
N ALA A 220 -8.12 3.37 10.83
CA ALA A 220 -7.64 4.73 10.66
C ALA A 220 -6.19 4.81 10.19
N LEU A 221 -5.37 3.77 10.42
CA LEU A 221 -4.01 3.80 9.87
C LEU A 221 -4.02 3.73 8.34
N ASP A 222 -4.91 2.92 7.78
CA ASP A 222 -4.97 2.84 6.33
C ASP A 222 -5.50 4.15 5.76
N VAL A 223 -6.47 4.78 6.43
CA VAL A 223 -7.00 6.06 5.94
C VAL A 223 -5.89 7.11 5.90
N TRP A 224 -5.08 7.17 6.96
CA TRP A 224 -3.99 8.15 6.98
C TRP A 224 -3.07 7.95 5.78
N ALA A 225 -2.65 6.70 5.54
CA ALA A 225 -1.76 6.38 4.43
C ALA A 225 -2.41 6.66 3.08
N MET A 226 -3.72 6.45 2.98
CA MET A 226 -4.43 6.86 1.77
C MET A 226 -4.32 8.36 1.56
N GLY A 227 -4.36 9.14 2.65
CA GLY A 227 -4.24 10.58 2.51
C GLY A 227 -2.84 11.03 2.11
N VAL A 228 -1.81 10.46 2.75
CA VAL A 228 -0.46 10.76 2.28
C VAL A 228 -0.33 10.37 0.82
N THR A 229 -0.95 9.24 0.44
CA THR A 229 -0.86 8.75 -0.92
C THR A 229 -1.54 9.71 -1.89
N LEU A 230 -2.74 10.19 -1.53
CA LEU A 230 -3.47 11.10 -2.39
C LEU A 230 -2.73 12.42 -2.53
N TYR A 231 -2.06 12.86 -1.46
CA TYR A 231 -1.23 14.06 -1.54
C TYR A 231 -0.09 13.85 -2.54
N CYS A 232 0.56 12.68 -2.48
CA CYS A 232 1.62 12.34 -3.43
C CYS A 232 1.12 12.36 -4.87
N PHE A 233 -0.07 11.80 -5.13
CA PHE A 233 -0.65 11.78 -6.47
C PHE A 233 -0.56 13.15 -7.14
N VAL A 234 -1.04 14.19 -6.44
CA VAL A 234 -1.20 15.49 -7.04
C VAL A 234 -0.03 16.43 -6.79
N PHE A 235 0.78 16.19 -5.75
CA PHE A 235 1.91 17.07 -5.50
C PHE A 235 3.27 16.48 -5.85
N GLY A 236 3.36 15.18 -6.09
CA GLY A 236 4.61 14.55 -6.49
C GLY A 236 5.63 14.37 -5.40
N GLN A 237 5.27 14.62 -4.14
CA GLN A 237 6.18 14.44 -3.01
C GLN A 237 5.35 14.24 -1.76
N CYS A 238 6.02 13.90 -0.66
CA CYS A 238 5.27 13.64 0.56
C CYS A 238 5.02 14.92 1.34
N PRO A 239 3.95 14.94 2.14
CA PRO A 239 3.67 16.14 2.92
C PRO A 239 4.58 16.31 4.12
N PHE A 240 5.23 15.26 4.59
CA PHE A 240 6.14 15.35 5.74
C PHE A 240 7.45 14.71 5.33
N MET A 241 8.46 15.53 5.03
CA MET A 241 9.75 15.03 4.58
C MET A 241 10.81 15.52 5.54
N ASP A 242 11.69 14.61 5.93
CA ASP A 242 12.94 14.97 6.57
C ASP A 242 13.84 13.76 6.49
N GLU A 243 15.13 14.00 6.32
CA GLU A 243 16.12 12.93 6.24
C GLU A 243 16.59 12.44 7.60
N ARG A 244 16.26 13.13 8.67
CA ARG A 244 16.51 12.63 10.02
C ARG A 244 15.22 12.02 10.53
N ILE A 245 15.31 10.76 10.97
CA ILE A 245 14.08 10.01 11.27
C ILE A 245 13.34 10.61 12.46
N MET A 246 14.08 11.12 13.45
CA MET A 246 13.51 11.81 14.60
C MET A 246 12.61 12.98 14.19
N CAS A 247 13.12 13.82 13.29
CA CAS A 247 12.34 14.94 12.78
CB CAS A 247 13.27 15.98 12.14
C CAS A 247 11.25 14.55 11.81
O CAS A 247 10.27 15.31 11.70
SG CAS A 247 14.52 16.32 13.33
AS CAS A 247 13.90 18.24 14.32
CE1 CAS A 247 12.56 17.95 15.76
CE2 CAS A 247 15.58 18.98 15.10
N LEU A 248 11.39 13.41 11.11
CA LEU A 248 10.26 12.93 10.29
C LEU A 248 9.10 12.51 11.20
N HIS A 249 9.42 11.82 12.31
CA HIS A 249 8.37 11.51 13.29
C HIS A 249 7.79 12.79 13.88
N SER A 250 8.66 13.73 14.26
CA SER A 250 8.19 14.98 14.87
C SER A 250 7.24 15.72 13.94
N LYS A 251 7.57 15.80 12.65
CA LYS A 251 6.71 16.51 11.73
C LYS A 251 5.38 15.77 11.56
N ILE A 252 5.42 14.45 11.36
CA ILE A 252 4.19 13.68 11.23
C ILE A 252 3.28 13.91 12.44
N LYS A 253 3.84 13.90 13.63
CA LYS A 253 3.02 14.05 14.82
C LYS A 253 2.58 15.49 15.07
N SER A 254 3.36 16.49 14.67
CA SER A 254 3.11 17.85 15.16
C SER A 254 3.10 18.95 14.10
N GLN A 255 3.52 18.70 12.87
CA GLN A 255 3.54 19.74 11.86
C GLN A 255 2.17 19.81 11.21
N ALA A 256 1.59 21.01 11.17
CA ALA A 256 0.34 21.22 10.45
C ALA A 256 0.54 20.99 8.95
N LEU A 257 -0.42 20.27 8.35
CA LEU A 257 -0.45 20.05 6.90
C LEU A 257 -0.45 21.37 6.13
N GLU A 258 0.45 21.48 5.15
CA GLU A 258 0.68 22.71 4.38
C GLU A 258 0.47 22.44 2.90
N PHE A 259 -0.25 23.31 2.25
CA PHE A 259 -0.34 22.97 0.85
C PHE A 259 0.58 23.84 0.02
N PRO A 260 1.27 23.28 -0.97
CA PRO A 260 2.09 24.11 -1.86
C PRO A 260 1.24 25.02 -2.71
N ASP A 261 1.73 26.25 -2.91
CA ASP A 261 1.11 27.17 -3.85
C ASP A 261 0.89 26.53 -5.21
N GLN A 262 1.89 25.81 -5.71
CA GLN A 262 1.79 25.16 -7.00
C GLN A 262 2.00 23.65 -6.87
N PRO A 263 1.18 22.84 -7.53
CA PRO A 263 0.00 23.29 -8.30
C PRO A 263 -1.22 23.63 -7.42
N ASP A 264 -1.95 24.68 -7.80
CA ASP A 264 -3.15 25.09 -7.05
C ASP A 264 -4.27 24.09 -7.31
N ILE A 265 -4.69 23.40 -6.25
CA ILE A 265 -5.69 22.35 -6.38
C ILE A 265 -7.03 22.88 -5.88
N ALA A 266 -8.09 22.15 -6.25
CA ALA A 266 -9.45 22.46 -5.83
C ALA A 266 -9.61 22.40 -4.31
N GLU A 267 -10.42 23.32 -3.78
CA GLU A 267 -10.65 23.40 -2.34
C GLU A 267 -11.26 22.11 -1.80
N ASP A 268 -12.14 21.45 -2.56
CA ASP A 268 -12.72 20.21 -2.05
C ASP A 268 -11.69 19.10 -1.98
N LEU A 269 -10.72 19.07 -2.91
CA LEU A 269 -9.61 18.13 -2.77
C LEU A 269 -8.77 18.47 -1.55
N LYS A 270 -8.51 19.76 -1.31
CA LYS A 270 -7.85 20.17 -0.08
C LYS A 270 -8.64 19.70 1.14
N ASP A 271 -9.95 19.91 1.13
CA ASP A 271 -10.79 19.48 2.25
C ASP A 271 -10.62 17.99 2.52
N LEU A 272 -10.65 17.17 1.48
CA LEU A 272 -10.56 15.73 1.66
C LEU A 272 -9.22 15.32 2.24
N ILE A 273 -8.12 15.87 1.70
CA ILE A 273 -6.79 15.54 2.21
C ILE A 273 -6.65 15.96 3.66
N THR A 274 -7.12 17.16 3.97
CA THR A 274 -7.12 17.65 5.34
C THR A 274 -7.85 16.71 6.29
N ARG A 275 -9.00 16.17 5.86
CA ARG A 275 -9.75 15.27 6.72
C ARG A 275 -9.05 13.92 6.88
N MET A 276 -8.40 13.42 5.83
CA MET A 276 -7.69 12.16 5.94
C MET A 276 -6.42 12.28 6.77
N LEU A 277 -5.79 13.46 6.80
CA LEU A 277 -4.59 13.69 7.58
C LEU A 277 -4.89 14.45 8.87
N ASP A 278 -6.13 14.37 9.34
CA ASP A 278 -6.44 14.71 10.72
C ASP A 278 -5.58 13.89 11.65
N LYS A 279 -4.78 14.57 12.46
CA LYS A 279 -3.85 13.88 13.34
C LYS A 279 -4.56 13.11 14.45
N ASN A 280 -5.82 13.45 14.76
CA ASN A 280 -6.58 12.74 15.77
C ASN A 280 -7.35 11.60 15.09
N PRO A 281 -6.99 10.34 15.33
CA PRO A 281 -7.72 9.26 14.65
C PRO A 281 -9.19 9.17 15.06
N GLU A 282 -9.59 9.77 16.18
CA GLU A 282 -11.00 9.72 16.54
C GLU A 282 -11.85 10.57 15.61
N SER A 283 -11.33 11.69 15.15
CA SER A 283 -12.10 12.54 14.25
C SER A 283 -11.71 12.38 12.79
N ARG A 284 -10.64 11.63 12.49
CA ARG A 284 -10.24 11.44 11.11
C ARG A 284 -11.38 10.80 10.32
N ILE A 285 -11.55 11.24 9.08
CA ILE A 285 -12.63 10.72 8.26
C ILE A 285 -12.52 9.19 8.08
N VAL A 286 -13.69 8.52 8.01
CA VAL A 286 -13.73 7.07 7.82
C VAL A 286 -13.98 6.76 6.34
N VAL A 287 -13.70 5.51 5.95
CA VAL A 287 -13.87 5.12 4.55
C VAL A 287 -15.30 5.28 4.04
N PRO A 288 -16.35 4.88 4.76
CA PRO A 288 -17.71 5.16 4.27
C PRO A 288 -17.97 6.65 4.01
N GLU A 289 -17.26 7.57 4.66
CA GLU A 289 -17.45 8.99 4.37
C GLU A 289 -16.63 9.44 3.17
N ILE A 290 -15.43 8.90 3.02
CA ILE A 290 -14.58 9.21 1.87
C ILE A 290 -15.33 8.93 0.59
N LYS A 291 -16.02 7.78 0.53
CA LYS A 291 -16.81 7.41 -0.63
C LYS A 291 -17.82 8.47 -1.02
N LEU A 292 -18.37 9.19 -0.05
CA LEU A 292 -19.40 10.18 -0.32
C LEU A 292 -18.83 11.56 -0.57
N HIS A 293 -17.51 11.73 -0.43
CA HIS A 293 -16.95 13.07 -0.43
C HIS A 293 -17.17 13.77 -1.76
N PRO A 294 -17.53 15.05 -1.76
CA PRO A 294 -17.83 15.73 -3.04
C PRO A 294 -16.65 15.76 -4.01
N TRP A 295 -15.39 15.76 -3.57
CA TRP A 295 -14.32 15.61 -4.54
C TRP A 295 -14.35 14.22 -5.18
N VAL A 296 -14.73 13.21 -4.41
CA VAL A 296 -14.65 11.82 -4.89
C VAL A 296 -15.75 11.53 -5.90
N THR A 297 -16.96 12.01 -5.64
CA THR A 297 -18.10 11.76 -6.50
C THR A 297 -18.23 12.77 -7.63
N ARG A 298 -17.25 13.66 -7.78
CA ARG A 298 -17.28 14.71 -8.78
C ARG A 298 -16.81 14.16 -10.13
C15 91X B . 4.78 -6.48 -8.13
O17 91X B . 7.19 -5.84 -8.48
C19 91X B . 5.76 -5.02 -10.29
C21 91X B . 6.48 -3.83 -12.32
C22 91X B . 5.61 -4.57 -13.10
C01 91X B . 4.80 -5.53 -12.50
C02 91X B . 4.88 -5.75 -11.10
C03 91X B . 4.00 -6.81 -10.51
C05 91X B . 3.96 -7.15 -9.07
C06 91X B . 3.06 -8.15 -8.66
C07 91X B . 2.95 -8.54 -7.34
C08 91X B . 3.77 -7.92 -6.37
C09 91X B . 3.65 -8.27 -4.96
C14 91X B . 4.66 -6.91 -6.79
C20 91X B . 6.54 -4.06 -10.95
N10 91X B . 2.47 -8.57 -4.34
N11 91X B . 2.74 -8.80 -3.05
N12 91X B . 4.00 -8.66 -2.76
N13 91X B . 4.64 -8.31 -3.93
O04 91X B . 3.26 -7.43 -11.27
O18 91X B . 5.74 -4.00 -7.96
S16 91X B . 5.94 -5.24 -8.63
C1 GOL C . -6.51 6.41 -17.92
O1 GOL C . -7.67 5.68 -18.19
C2 GOL C . -6.83 7.50 -16.81
O2 GOL C . -5.67 7.93 -16.16
C3 GOL C . -7.61 8.66 -17.58
O3 GOL C . -8.35 9.39 -16.64
C1 GOL D . -9.08 -7.92 18.91
O1 GOL D . -10.07 -7.09 18.34
C2 GOL D . -7.94 -8.28 17.82
O2 GOL D . -8.36 -9.15 16.76
C3 GOL D . -7.32 -6.93 17.32
O3 GOL D . -5.98 -7.18 16.91
C1 GOL E . -14.88 10.44 12.46
O1 GOL E . -15.31 9.19 12.90
C2 GOL E . -15.93 10.99 11.44
O2 GOL E . -17.23 10.90 11.94
C3 GOL E . -15.51 12.46 11.17
O3 GOL E . -15.46 12.64 9.78
CL CL F . 5.81 5.14 -3.01
#